data_5WDC
#
_entry.id   5WDC
#
_cell.length_a   90.777
_cell.length_b   90.777
_cell.length_c   134.545
_cell.angle_alpha   90.000
_cell.angle_beta   90.000
_cell.angle_gamma   90.000
#
_symmetry.space_group_name_H-M   'I 4 2 2'
#
loop_
_entity.id
_entity.type
_entity.pdbx_description
1 polymer 'Polymerase acidic protein'
2 non-polymer 'MANGANESE (II) ION'
3 non-polymer 'SULFATE ION'
4 non-polymer 2-{(2S)-1-[(2-chlorophenoxy)acetyl]pyrrolidin-2-yl}-5-hydroxy-6-oxo-N-(2-phenylethyl)-1,6-dihydropyrimidine-4-carboxamide
5 water water
#
_entity_poly.entity_id   1
_entity_poly.type   'polypeptide(L)'
_entity_poly.pdbx_seq_one_letter_code
;MGSSHHHHHHSSGLVPRGSHMEDFVRQCFNPMIVELAEKAMKEYGEDPKIETNKFAAICTHLEVCFMYSDGGSKHRFEII
EGRDRIMAWTVVNSICNTTGVEKPKFLPDLYDYKENRFIEIGVTRREVHIYYLEKANKIKSEKTHIHIFSFTGEEMATKA
DYTLDEESRARIKTRLFTIRQEMASRSLWDSFRQSER
;
_entity_poly.pdbx_strand_id   A
#
loop_
_chem_comp.id
_chem_comp.type
_chem_comp.name
_chem_comp.formula
G2K non-polymer 2-{(2S)-1-[(2-chlorophenoxy)acetyl]pyrrolidin-2-yl}-5-hydroxy-6-oxo-N-(2-phenylethyl)-1,6-dihydropyrimidine-4-carboxamide 'C25 H25 Cl N4 O5'
MN non-polymer 'MANGANESE (II) ION' 'Mn 2'
SO4 non-polymer 'SULFATE ION' 'O4 S -2'
#
# COMPACT_ATOMS: atom_id res chain seq x y z
N ARG A 17 8.08 25.99 5.73
CA ARG A 17 6.63 26.05 5.92
C ARG A 17 6.11 24.74 6.50
N GLY A 18 5.45 24.83 7.65
CA GLY A 18 4.90 23.67 8.32
C GLY A 18 3.40 23.52 8.08
N SER A 19 3.03 22.53 7.28
CA SER A 19 1.62 22.31 6.95
C SER A 19 0.91 21.58 8.08
N HIS A 20 -0.42 21.70 8.08
CA HIS A 20 -1.24 20.91 9.01
C HIS A 20 -1.20 19.44 8.64
N MET A 21 -1.15 19.14 7.35
CA MET A 21 -1.20 17.74 6.93
C MET A 21 0.05 17.00 7.38
N GLU A 22 1.21 17.66 7.34
CA GLU A 22 2.43 17.03 7.82
C GLU A 22 2.34 16.70 9.31
N ASP A 23 1.87 17.66 10.11
CA ASP A 23 1.72 17.42 11.55
C ASP A 23 0.65 16.37 11.84
N PHE A 24 -0.41 16.34 11.02
CA PHE A 24 -1.43 15.32 11.21
C PHE A 24 -0.89 13.93 10.92
N VAL A 25 -0.15 13.77 9.82
CA VAL A 25 0.44 12.50 9.47
C VAL A 25 1.28 11.97 10.62
N ARG A 26 2.07 12.85 11.25
CA ARG A 26 2.99 12.42 12.29
C ARG A 26 2.26 11.94 13.54
N GLN A 27 1.13 12.55 13.87
CA GLN A 27 0.37 12.09 15.03
C GLN A 27 -0.63 10.99 14.69
N CYS A 28 -0.86 10.72 13.40
CA CYS A 28 -1.83 9.71 12.95
C CYS A 28 -1.18 8.34 12.75
N PHE A 29 0.01 8.28 12.18
CA PHE A 29 0.69 7.02 11.92
C PHE A 29 1.81 6.81 12.93
N ASN A 30 2.14 5.55 13.17
CA ASN A 30 3.16 5.25 14.14
C ASN A 30 4.54 5.60 13.57
N PRO A 31 5.53 5.83 14.45
CA PRO A 31 6.81 6.41 13.98
C PRO A 31 7.57 5.56 12.99
N MET A 32 7.55 4.23 13.15
CA MET A 32 8.23 3.36 12.18
C MET A 32 7.67 3.56 10.78
N ILE A 33 6.35 3.70 10.67
CA ILE A 33 5.73 3.90 9.36
C ILE A 33 6.13 5.26 8.79
N VAL A 34 6.01 6.31 9.60
CA VAL A 34 6.42 7.64 9.17
C VAL A 34 7.87 7.63 8.71
N GLU A 35 8.75 6.99 9.49
CA GLU A 35 10.17 6.91 9.15
C GLU A 35 10.36 6.22 7.82
N LEU A 36 9.74 5.05 7.65
CA LEU A 36 9.88 4.33 6.39
C LEU A 36 9.34 5.14 5.22
N ALA A 37 8.25 5.87 5.44
CA ALA A 37 7.67 6.68 4.38
C ALA A 37 8.59 7.83 3.99
N GLU A 38 9.21 8.48 5.00
CA GLU A 38 10.12 9.59 4.71
C GLU A 38 11.32 9.13 3.91
N LYS A 39 11.86 7.96 4.24
CA LYS A 39 13.04 7.47 3.52
C LYS A 39 12.68 7.07 2.09
N ALA A 40 11.49 6.49 1.88
CA ALA A 40 11.07 6.17 0.51
C ALA A 40 10.92 7.43 -0.33
N MET A 41 10.26 8.46 0.21
CA MET A 41 10.05 9.68 -0.56
C MET A 41 11.37 10.32 -0.95
N LYS A 42 12.29 10.43 0.01
CA LYS A 42 13.60 10.99 -0.31
C LYS A 42 14.36 10.10 -1.28
N GLU A 43 14.21 8.78 -1.15
CA GLU A 43 14.87 7.86 -2.09
C GLU A 43 14.42 8.13 -3.53
N TYR A 44 13.17 8.54 -3.72
CA TYR A 44 12.64 8.84 -5.05
C TYR A 44 12.54 10.34 -5.30
N GLY A 45 13.18 11.16 -4.46
CA GLY A 45 13.38 12.56 -4.78
C GLY A 45 12.24 13.50 -4.49
N GLU A 46 11.44 13.23 -3.46
CA GLU A 46 10.35 14.10 -3.08
C GLU A 46 10.43 14.41 -1.58
N ASP A 47 9.83 15.53 -1.20
CA ASP A 47 9.96 16.07 0.16
C ASP A 47 8.67 15.88 0.92
N PRO A 48 8.70 15.17 2.06
CA PRO A 48 7.47 15.05 2.88
C PRO A 48 6.95 16.38 3.40
N LYS A 49 7.82 17.39 3.54
CA LYS A 49 7.38 18.70 4.01
C LYS A 49 6.64 19.48 2.94
N ILE A 50 6.80 19.11 1.66
CA ILE A 50 6.12 19.80 0.57
C ILE A 50 5.03 18.89 0.01
N GLU A 51 5.42 17.72 -0.49
CA GLU A 51 4.44 16.75 -0.98
C GLU A 51 3.74 16.10 0.21
N THR A 52 2.94 16.87 0.94
CA THR A 52 2.37 16.39 2.20
C THR A 52 1.21 15.44 1.96
N ASN A 53 0.45 15.63 0.89
CA ASN A 53 -0.62 14.68 0.58
C ASN A 53 -0.04 13.31 0.23
N LYS A 54 1.02 13.28 -0.57
CA LYS A 54 1.63 12.00 -0.91
C LYS A 54 2.33 11.39 0.31
N PHE A 55 2.86 12.23 1.19
CA PHE A 55 3.35 11.75 2.48
C PHE A 55 2.27 10.93 3.19
N ALA A 56 1.06 11.50 3.32
CA ALA A 56 -0.05 10.79 3.93
C ALA A 56 -0.38 9.52 3.16
N ALA A 57 -0.41 9.60 1.82
CA ALA A 57 -0.76 8.44 1.00
C ALA A 57 0.22 7.30 1.18
N ILE A 58 1.52 7.60 1.30
CA ILE A 58 2.52 6.55 1.40
C ILE A 58 2.47 5.90 2.78
N CYS A 59 2.28 6.71 3.83
CA CYS A 59 2.06 6.16 5.16
C CYS A 59 0.84 5.26 5.17
N THR A 60 -0.26 5.71 4.57
CA THR A 60 -1.46 4.88 4.50
C THR A 60 -1.17 3.56 3.81
N HIS A 61 -0.60 3.63 2.60
CA HIS A 61 -0.30 2.43 1.83
C HIS A 61 0.63 1.49 2.61
N LEU A 62 1.62 2.05 3.30
CA LEU A 62 2.51 1.23 4.11
C LEU A 62 1.74 0.49 5.20
N GLU A 63 0.90 1.21 5.95
CA GLU A 63 0.17 0.57 7.03
C GLU A 63 -0.78 -0.50 6.50
N VAL A 64 -1.38 -0.26 5.34
CA VAL A 64 -2.24 -1.28 4.74
C VAL A 64 -1.43 -2.52 4.38
N CYS A 65 -0.24 -2.31 3.81
CA CYS A 65 0.62 -3.43 3.47
C CYS A 65 0.97 -4.25 4.70
N PHE A 66 1.28 -3.60 5.81
CA PHE A 66 1.65 -4.32 7.01
C PHE A 66 0.46 -5.04 7.62
N MET A 67 -0.70 -4.39 7.66
CA MET A 67 -1.90 -5.04 8.17
C MET A 67 -2.25 -6.26 7.33
N TYR A 68 -2.07 -6.17 6.01
CA TYR A 68 -2.34 -7.29 5.11
C TYR A 68 -1.46 -8.48 5.43
N SER A 69 -0.14 -8.27 5.55
CA SER A 69 0.77 -9.37 5.83
C SER A 69 0.53 -9.98 7.22
N ASP A 70 -0.09 -9.22 8.11
CA ASP A 70 -0.50 -9.75 9.41
C ASP A 70 -1.76 -10.60 9.35
N GLY A 71 -2.47 -10.59 8.21
CA GLY A 71 -3.75 -11.27 8.13
C GLY A 71 -3.66 -12.76 7.88
N GLY A 72 -2.53 -13.25 7.38
CA GLY A 72 -2.38 -14.66 7.08
C GLY A 72 -1.85 -15.44 8.26
N SER A 73 -1.29 -16.61 7.95
CA SER A 73 -0.62 -17.42 8.95
C SER A 73 0.74 -16.82 9.26
N LYS A 74 1.58 -17.57 9.99
CA LYS A 74 2.84 -17.04 10.51
C LYS A 74 3.78 -16.64 9.37
N HIS A 75 4.17 -17.61 8.54
CA HIS A 75 5.15 -17.38 7.48
C HIS A 75 4.50 -17.28 6.11
N ARG A 76 3.28 -16.74 6.03
CA ARG A 76 2.57 -16.72 4.76
C ARG A 76 3.14 -15.68 3.80
N PHE A 77 3.38 -14.46 4.30
CA PHE A 77 3.66 -13.33 3.44
C PHE A 77 5.09 -12.84 3.63
N GLU A 78 5.77 -12.59 2.50
CA GLU A 78 7.02 -11.86 2.48
C GLU A 78 6.71 -10.41 2.13
N ILE A 79 7.28 -9.48 2.88
CA ILE A 79 6.97 -8.06 2.74
C ILE A 79 8.06 -7.42 1.88
N ILE A 80 7.67 -6.83 0.75
CA ILE A 80 8.60 -6.22 -0.17
C ILE A 80 8.61 -4.70 -0.03
N GLU A 81 7.43 -4.09 0.16
CA GLU A 81 7.34 -2.66 0.37
C GLU A 81 7.88 -2.31 1.74
N GLY A 82 8.43 -1.10 1.87
CA GLY A 82 9.09 -0.69 3.08
C GLY A 82 10.57 -0.98 3.13
N ARG A 83 11.13 -1.60 2.09
CA ARG A 83 12.57 -1.80 1.98
C ARG A 83 13.15 -0.82 0.98
N ASP A 84 14.45 -0.60 1.09
CA ASP A 84 15.14 0.15 0.04
C ASP A 84 15.11 -0.65 -1.25
N ARG A 85 15.21 0.06 -2.38
CA ARG A 85 14.96 -0.54 -3.68
C ARG A 85 15.85 -1.75 -3.93
N ILE A 86 17.11 -1.69 -3.50
CA ILE A 86 18.06 -2.74 -3.86
C ILE A 86 17.73 -4.04 -3.12
N MET A 87 17.46 -3.95 -1.83
CA MET A 87 17.19 -5.16 -1.07
C MET A 87 15.80 -5.71 -1.36
N ALA A 88 14.86 -4.85 -1.76
CA ALA A 88 13.55 -5.34 -2.19
C ALA A 88 13.67 -6.20 -3.43
N TRP A 89 14.43 -5.74 -4.43
CA TRP A 89 14.69 -6.56 -5.60
C TRP A 89 15.52 -7.79 -5.25
N THR A 90 16.45 -7.66 -4.30
CA THR A 90 17.21 -8.83 -3.85
C THR A 90 16.28 -9.91 -3.32
N VAL A 91 15.29 -9.53 -2.51
CA VAL A 91 14.35 -10.51 -2.01
C VAL A 91 13.49 -11.06 -3.15
N VAL A 92 13.14 -10.23 -4.13
CA VAL A 92 12.36 -10.71 -5.26
C VAL A 92 13.14 -11.77 -6.04
N ASN A 93 14.43 -11.51 -6.29
CA ASN A 93 15.27 -12.48 -6.99
C ASN A 93 15.32 -13.80 -6.25
N SER A 94 15.49 -13.76 -4.92
CA SER A 94 15.55 -15.00 -4.15
C SER A 94 14.22 -15.75 -4.22
N ILE A 95 13.11 -15.03 -4.06
CA ILE A 95 11.79 -15.64 -4.18
C ILE A 95 11.63 -16.26 -5.56
N CYS A 96 12.02 -15.54 -6.60
CA CYS A 96 11.85 -16.05 -7.95
C CYS A 96 12.70 -17.28 -8.18
N ASN A 97 13.86 -17.36 -7.54
CA ASN A 97 14.76 -18.47 -7.86
C ASN A 97 14.39 -19.76 -7.13
N THR A 98 13.78 -19.68 -5.94
CA THR A 98 13.44 -20.89 -5.21
C THR A 98 12.03 -21.38 -5.50
N THR A 99 11.15 -20.53 -6.03
CA THR A 99 9.80 -20.93 -6.37
C THR A 99 9.55 -21.06 -7.87
N GLY A 100 10.41 -20.49 -8.71
CA GLY A 100 10.23 -20.55 -10.14
C GLY A 100 9.05 -19.70 -10.62
N VAL A 101 9.04 -18.43 -10.23
CA VAL A 101 8.00 -17.49 -10.64
C VAL A 101 8.67 -16.37 -11.41
N GLU A 102 8.03 -15.92 -12.49
CA GLU A 102 8.60 -14.89 -13.36
C GLU A 102 8.90 -13.62 -12.57
N LYS A 103 10.06 -13.04 -12.84
CA LYS A 103 10.47 -11.81 -12.18
C LYS A 103 9.57 -10.66 -12.65
N PRO A 104 8.82 -10.03 -11.75
CA PRO A 104 7.90 -8.97 -12.20
C PRO A 104 8.65 -7.77 -12.74
N LYS A 105 8.00 -7.09 -13.69
CA LYS A 105 8.63 -5.93 -14.33
C LYS A 105 8.82 -4.80 -13.33
N PHE A 106 7.87 -4.62 -12.42
CA PHE A 106 7.94 -3.57 -11.42
C PHE A 106 7.88 -4.19 -10.03
N LEU A 107 8.40 -3.46 -9.06
CA LEU A 107 8.44 -3.93 -7.68
C LEU A 107 7.04 -4.18 -7.15
N PRO A 108 6.72 -5.37 -6.67
CA PRO A 108 5.45 -5.62 -6.00
C PRO A 108 5.58 -5.31 -4.51
N ASP A 109 4.47 -5.48 -3.78
CA ASP A 109 4.47 -5.13 -2.36
C ASP A 109 4.59 -6.32 -1.42
N LEU A 110 4.03 -7.47 -1.76
CA LEU A 110 4.15 -8.66 -0.92
C LEU A 110 4.36 -9.88 -1.82
N TYR A 111 4.70 -11.00 -1.18
CA TYR A 111 4.65 -12.30 -1.83
C TYR A 111 3.94 -13.29 -0.93
N ASP A 112 3.01 -14.05 -1.51
CA ASP A 112 2.17 -15.01 -0.80
C ASP A 112 2.79 -16.39 -0.95
N TYR A 113 3.43 -16.90 0.11
CA TYR A 113 4.03 -18.22 0.03
C TYR A 113 2.98 -19.31 -0.11
N LYS A 114 1.75 -19.05 0.35
CA LYS A 114 0.71 -20.08 0.30
C LYS A 114 0.16 -20.23 -1.12
N GLU A 115 -0.13 -19.13 -1.79
CA GLU A 115 -0.67 -19.16 -3.14
C GLU A 115 0.41 -18.98 -4.20
N ASN A 116 1.64 -18.71 -3.78
CA ASN A 116 2.80 -18.59 -4.67
C ASN A 116 2.56 -17.54 -5.76
N ARG A 117 2.36 -16.30 -5.32
CA ARG A 117 2.17 -15.19 -6.23
C ARG A 117 2.57 -13.88 -5.55
N PHE A 118 3.11 -12.97 -6.35
CA PHE A 118 3.34 -11.60 -5.92
C PHE A 118 2.03 -10.82 -5.87
N ILE A 119 1.91 -9.92 -4.89
CA ILE A 119 0.72 -9.12 -4.67
C ILE A 119 1.09 -7.64 -4.81
N GLU A 120 0.26 -6.88 -5.54
CA GLU A 120 0.36 -5.43 -5.57
C GLU A 120 -0.85 -4.87 -4.85
N ILE A 121 -0.60 -4.19 -3.73
CA ILE A 121 -1.66 -3.55 -2.96
C ILE A 121 -1.92 -2.17 -3.54
N GLY A 122 -3.18 -1.79 -3.63
CA GLY A 122 -3.57 -0.46 -4.06
C GLY A 122 -4.47 0.18 -3.02
N VAL A 123 -4.27 1.47 -2.80
CA VAL A 123 -5.12 2.28 -1.92
C VAL A 123 -5.47 3.53 -2.69
N THR A 124 -6.75 3.69 -3.01
CA THR A 124 -7.20 4.77 -3.87
C THR A 124 -8.26 5.63 -3.18
N ARG A 125 -8.33 6.88 -3.61
CA ARG A 125 -9.36 7.80 -3.19
C ARG A 125 -10.50 7.91 -4.19
N ARG A 126 -10.30 7.44 -5.42
CA ARG A 126 -11.30 7.47 -6.46
C ARG A 126 -12.06 6.14 -6.47
N GLU A 127 -12.91 5.95 -7.48
CA GLU A 127 -13.66 4.70 -7.59
C GLU A 127 -12.75 3.55 -8.00
N VAL A 128 -13.05 2.36 -7.48
CA VAL A 128 -12.10 1.26 -7.47
C VAL A 128 -11.79 0.77 -8.87
N HIS A 129 -12.83 0.63 -9.71
CA HIS A 129 -12.68 0.03 -11.04
C HIS A 129 -11.57 0.71 -11.83
N ILE A 130 -11.59 2.04 -11.87
CA ILE A 130 -10.60 2.78 -12.66
C ILE A 130 -9.19 2.46 -12.18
N TYR A 131 -8.92 2.59 -10.87
CA TYR A 131 -7.59 2.34 -10.37
C TYR A 131 -7.11 0.93 -10.71
N TYR A 132 -8.00 -0.07 -10.60
CA TYR A 132 -7.59 -1.43 -10.94
C TYR A 132 -7.17 -1.52 -12.40
N LEU A 133 -7.93 -0.86 -13.29
CA LEU A 133 -7.59 -0.86 -14.72
C LEU A 133 -6.21 -0.27 -14.94
N GLU A 134 -6.00 0.96 -14.45
CA GLU A 134 -4.69 1.59 -14.59
C GLU A 134 -3.59 0.74 -13.98
N LYS A 135 -3.84 0.15 -12.81
CA LYS A 135 -2.84 -0.70 -12.19
C LYS A 135 -2.62 -1.97 -12.99
N ALA A 136 -3.68 -2.55 -13.56
CA ALA A 136 -3.53 -3.76 -14.34
C ALA A 136 -2.84 -3.48 -15.67
N ASN A 137 -3.24 -2.39 -16.34
CA ASN A 137 -2.61 -2.05 -17.62
C ASN A 137 -1.15 -1.69 -17.43
N LYS A 138 -0.81 -1.00 -16.34
CA LYS A 138 0.58 -0.61 -16.10
C LYS A 138 1.43 -1.79 -15.72
N ILE A 139 0.95 -2.61 -14.77
CA ILE A 139 1.71 -3.77 -14.33
C ILE A 139 1.79 -4.80 -15.44
N SER A 141 2.82 -7.24 -17.08
CA SER A 141 3.06 -8.30 -16.10
C SER A 141 1.73 -8.93 -15.68
N GLU A 142 1.57 -10.21 -16.00
CA GLU A 142 0.29 -10.90 -15.79
C GLU A 142 0.25 -11.69 -14.49
N LYS A 143 1.37 -12.25 -14.04
CA LYS A 143 1.35 -13.20 -12.93
C LYS A 143 1.03 -12.53 -11.59
N THR A 144 1.29 -11.24 -11.45
CA THR A 144 1.16 -10.57 -10.16
C THR A 144 -0.31 -10.37 -9.80
N HIS A 145 -0.68 -10.78 -8.58
CA HIS A 145 -2.04 -10.58 -8.09
C HIS A 145 -2.24 -9.14 -7.64
N ILE A 146 -3.44 -8.61 -7.88
CA ILE A 146 -3.76 -7.20 -7.64
C ILE A 146 -4.90 -7.14 -6.63
N HIS A 147 -4.74 -6.30 -5.61
CA HIS A 147 -5.75 -6.13 -4.56
C HIS A 147 -5.86 -4.65 -4.22
N ILE A 148 -7.02 -4.05 -4.51
CA ILE A 148 -7.25 -2.61 -4.35
C ILE A 148 -8.17 -2.38 -3.17
N PHE A 149 -7.81 -1.43 -2.31
CA PHE A 149 -8.68 -0.92 -1.27
C PHE A 149 -9.00 0.54 -1.53
N SER A 150 -10.17 0.98 -1.08
CA SER A 150 -10.55 2.37 -1.20
C SER A 150 -10.90 2.93 0.17
N PHE A 151 -10.87 4.26 0.26
CA PHE A 151 -11.28 4.97 1.47
C PHE A 151 -12.78 4.98 1.68
N THR A 152 -13.55 4.34 0.81
CA THR A 152 -14.99 4.22 0.97
C THR A 152 -15.43 2.79 1.27
N GLY A 153 -14.48 1.87 1.44
CA GLY A 153 -14.79 0.50 1.80
C GLY A 153 -14.92 -0.47 0.64
N GLU A 154 -14.76 -0.02 -0.60
CA GLU A 154 -14.80 -0.93 -1.73
C GLU A 154 -13.44 -1.60 -1.90
N GLU A 155 -13.45 -2.80 -2.46
CA GLU A 155 -12.24 -3.53 -2.76
C GLU A 155 -12.44 -4.37 -4.02
N MET A 156 -11.36 -4.60 -4.75
CA MET A 156 -11.37 -5.45 -5.94
C MET A 156 -10.05 -6.20 -6.03
N ALA A 157 -10.14 -7.51 -6.26
CA ALA A 157 -8.97 -8.34 -6.40
C ALA A 157 -9.04 -9.12 -7.71
N THR A 158 -7.86 -9.51 -8.19
CA THR A 158 -7.76 -10.32 -9.40
C THR A 158 -8.60 -11.58 -9.27
N LYS A 159 -9.38 -11.88 -10.30
CA LYS A 159 -10.25 -13.06 -10.33
C LYS A 159 -11.16 -13.12 -9.10
N ALA A 160 -11.50 -11.95 -8.56
CA ALA A 160 -12.36 -11.83 -7.37
C ALA A 160 -11.85 -12.69 -6.22
N ASP A 161 -10.54 -12.93 -6.19
CA ASP A 161 -9.91 -13.77 -5.18
C ASP A 161 -9.28 -12.82 -4.16
N TYR A 162 -10.05 -12.50 -3.11
CA TYR A 162 -9.56 -11.71 -2.00
C TYR A 162 -8.76 -12.63 -1.10
N THR A 163 -7.45 -12.41 -1.04
CA THR A 163 -6.53 -13.42 -0.54
C THR A 163 -6.83 -13.83 0.89
N LEU A 164 -7.10 -12.86 1.76
CA LEU A 164 -7.34 -13.12 3.16
C LEU A 164 -8.81 -13.39 3.43
N ASP A 165 -9.10 -13.88 4.63
CA ASP A 165 -10.48 -14.04 5.07
C ASP A 165 -11.09 -12.68 5.38
N GLU A 166 -12.40 -12.69 5.60
CA GLU A 166 -13.21 -11.47 5.59
C GLU A 166 -12.83 -10.52 6.73
N GLU A 167 -12.49 -11.07 7.90
CA GLU A 167 -12.24 -10.21 9.06
C GLU A 167 -10.96 -9.40 8.89
N SER A 168 -9.94 -9.98 8.27
CA SER A 168 -8.69 -9.26 8.09
C SER A 168 -8.85 -8.09 7.12
N ARG A 169 -9.59 -8.31 6.03
CA ARG A 169 -9.81 -7.22 5.08
C ARG A 169 -10.76 -6.17 5.65
N ALA A 170 -11.75 -6.60 6.44
CA ALA A 170 -12.65 -5.65 7.09
C ALA A 170 -11.90 -4.72 8.03
N ARG A 171 -10.89 -5.25 8.73
CA ARG A 171 -10.09 -4.40 9.63
C ARG A 171 -9.32 -3.33 8.85
N ILE A 172 -8.79 -3.69 7.67
CA ILE A 172 -8.15 -2.70 6.82
C ILE A 172 -9.15 -1.64 6.37
N LYS A 173 -10.36 -2.06 6.00
CA LYS A 173 -11.37 -1.11 5.54
C LYS A 173 -11.74 -0.12 6.64
N THR A 174 -11.94 -0.62 7.86
CA THR A 174 -12.26 0.24 8.99
C THR A 174 -11.16 1.28 9.24
N ARG A 175 -9.91 0.87 9.22
CA ARG A 175 -8.86 1.85 9.49
C ARG A 175 -8.84 2.96 8.44
N LEU A 176 -8.97 2.58 7.16
CA LEU A 176 -8.96 3.56 6.09
C LEU A 176 -10.08 4.58 6.24
N PHE A 177 -11.26 4.13 6.67
CA PHE A 177 -12.35 5.09 6.87
C PHE A 177 -12.11 5.95 8.09
N THR A 178 -11.44 5.42 9.12
CA THR A 178 -11.10 6.23 10.26
C THR A 178 -10.13 7.35 9.87
N ILE A 179 -9.14 7.02 9.03
CA ILE A 179 -8.20 8.04 8.56
C ILE A 179 -8.94 9.14 7.81
N ARG A 180 -9.83 8.75 6.90
CA ARG A 180 -10.61 9.74 6.17
C ARG A 180 -11.37 10.65 7.12
N GLN A 181 -11.99 10.08 8.16
CA GLN A 181 -12.73 10.90 9.13
C GLN A 181 -11.81 11.87 9.85
N GLU A 182 -10.64 11.40 10.29
CA GLU A 182 -9.72 12.25 11.03
C GLU A 182 -9.24 13.42 10.18
N MET A 183 -9.02 13.20 8.89
CA MET A 183 -8.68 14.30 8.00
C MET A 183 -9.87 15.23 7.79
N ALA A 184 -11.06 14.68 7.58
CA ALA A 184 -12.23 15.52 7.37
C ALA A 184 -12.48 16.40 8.59
N SER A 185 -12.31 15.85 9.79
CA SER A 185 -12.43 16.64 11.01
C SER A 185 -11.46 17.82 11.03
N ARG A 186 -10.36 17.73 10.29
CA ARG A 186 -9.34 18.77 10.23
C ARG A 186 -9.41 19.57 8.93
N SER A 187 -10.44 19.35 8.11
CA SER A 187 -10.63 20.05 6.84
C SER A 187 -9.47 19.79 5.88
N LEU A 188 -8.88 18.59 5.97
CA LEU A 188 -7.80 18.18 5.09
C LEU A 188 -8.21 17.10 4.10
N TRP A 189 -9.44 16.56 4.21
CA TRP A 189 -9.84 15.47 3.35
C TRP A 189 -10.04 15.93 1.91
N ASP A 190 -10.72 17.06 1.70
CA ASP A 190 -11.00 17.53 0.35
C ASP A 190 -9.73 17.73 -0.46
N SER A 191 -8.69 18.31 0.16
CA SER A 191 -7.42 18.49 -0.54
C SER A 191 -6.75 17.15 -0.83
N PHE A 192 -6.96 16.15 0.03
CA PHE A 192 -6.36 14.85 -0.18
C PHE A 192 -7.03 14.11 -1.34
N ARG A 193 -8.36 14.12 -1.37
CA ARG A 193 -9.08 13.42 -2.44
C ARG A 193 -8.78 14.05 -3.80
N GLN A 194 -8.79 15.38 -3.88
CA GLN A 194 -8.50 16.10 -5.11
C GLN A 194 -7.01 16.26 -5.38
N SER A 195 -6.18 15.37 -4.81
CA SER A 195 -4.74 15.39 -5.04
C SER A 195 -4.22 14.16 -5.77
N GLU A 196 -4.95 13.05 -5.72
CA GLU A 196 -4.49 11.80 -6.34
C GLU A 196 -4.48 11.91 -7.86
MN MN B . 1.26 -1.09 -3.88
MN MN C . 4.92 -0.92 -3.69
S SO4 D . 0.92 17.17 -2.44
O1 SO4 D . 1.95 17.97 -3.11
O2 SO4 D . 0.67 17.72 -1.10
O3 SO4 D . -0.30 17.21 -3.23
O4 SO4 D . 1.39 15.79 -2.31
S SO4 E . -3.85 -18.87 6.01
O1 SO4 E . -3.55 -18.56 7.41
O2 SO4 E . -3.49 -17.72 5.18
O3 SO4 E . -5.27 -19.14 5.87
O4 SO4 E . -3.08 -20.05 5.59
C1 G2K F . 1.73 1.54 -5.03
C10 G2K F . 7.63 4.30 -10.56
C11 G2K F . 8.15 5.25 -9.70
C12 G2K F . 8.45 4.91 -8.40
C13 G2K F . 2.49 3.43 -6.29
C14 G2K F . 2.22 4.69 -7.07
C15 G2K F . 1.69 4.44 -8.49
C16 G2K F . 2.97 4.12 -9.25
C17 G2K F . 3.89 5.22 -8.77
C18 G2K F . 4.11 6.17 -6.47
C19 G2K F . 5.45 6.77 -6.88
C2 G2K F . 3.07 1.17 -4.91
C20 G2K F . 6.62 6.83 -4.78
C21 G2K F . 6.55 5.44 -4.60
C22 G2K F . 7.17 4.86 -3.50
C23 G2K F . 7.85 5.63 -2.59
C24 G2K F . 7.94 6.98 -2.76
C25 G2K F . 7.32 7.57 -3.84
C3 G2K F . 4.05 1.93 -5.48
C4 G2K F . 5.50 1.56 -5.35
C5 G2K F . 7.78 2.09 -5.99
C6 G2K F . 8.59 3.25 -6.51
C7 G2K F . 8.25 3.62 -7.93
C8 G2K F . 7.74 2.67 -8.81
C9 G2K F . 7.43 3.02 -10.11
N1 G2K F . 6.36 2.39 -5.93
N2 G2K F . 3.76 3.05 -6.16
N3 G2K F . 3.47 5.43 -7.38
N4 G2K F . 1.48 2.70 -5.74
O1 G2K F . 0.80 0.89 -4.55
O2 G2K F . 3.29 0.04 -4.22
O3 G2K F . 5.83 0.53 -4.75
O4 G2K F . 6.05 7.50 -5.82
O5 G2K F . 3.63 6.35 -5.36
CL1 G2K F . 7.43 9.30 -4.04
#